data_2VGQ
#
_entry.id   2VGQ
#
_cell.length_a   99.260
_cell.length_b   99.260
_cell.length_c   163.220
_cell.angle_alpha   90.00
_cell.angle_beta   90.00
_cell.angle_gamma   90.00
#
_symmetry.space_group_name_H-M   'P 41 21 2'
#
loop_
_entity.id
_entity.type
_entity.pdbx_description
1 polymer 'Sugar ABC transporter substrate-binding protein,Mitochondrial antiviral-signaling protein'
2 branched alpha-D-glucopyranose-(1-4)-alpha-D-glucopyranose-(1-4)-alpha-D-glucopyranose-(1-4)-alpha-D-glucopyranose
3 non-polymer 'SULFATE ION'
4 water water
#
_entity_poly.entity_id   1
_entity_poly.type   'polypeptide(L)'
_entity_poly.pdbx_seq_one_letter_code
;MKYYHHHHHHDYDHMKIEEGKLVIWINGDKGYNGLAEVGKKFEKDTGIKVTVEHPDKLEEKFPQVAATGDGPDIIFWAHD
RFGGYAQSGLLAEITPDKAFQDKLYPFTWDAVRYNGKLIAYPIAVEALSLIYNKDLLPNPPKTWEEIPALDKELKAKGKS
ALMFNLQEPYFTWPLIAADGGYAFKYENGKYDIKDVGVDNAGAKAGLTFLVDLIKNKHMNADTDYSIAEAAFNKGETAMT
INGPWAWSNIDTSKVNYGVTVLPTFKGQPSKPFVGVLSAGINAASPNKELAKEFLENYLLTDEGLEAVNKDKPLGAVALK
SYEEELAKDPRIAATMENAQKGEIMPNIPQMSAFWYAVRTAVINAASGRQTVDEALKDAQTNSAMAFAEDKTYKYICRNF
SNFCNVDVVEILPYLPCLTARDQDRLRATCTLSGNRDTLWHLFNTLQRRPGWVEYFIAALRGCELVDLADEVASVYQ
;
_entity_poly.pdbx_strand_id   A
#
loop_
_chem_comp.id
_chem_comp.type
_chem_comp.name
_chem_comp.formula
GLC D-saccharide, alpha linking alpha-D-glucopyranose 'C6 H12 O6'
SO4 non-polymer 'SULFATE ION' 'O4 S -2'
#
# COMPACT_ATOMS: atom_id res chain seq x y z
N ILE A 17 3.64 -25.20 -2.25
CA ILE A 17 4.82 -24.53 -2.88
C ILE A 17 5.88 -25.57 -3.29
N GLU A 18 6.27 -25.54 -4.57
CA GLU A 18 7.20 -26.53 -5.11
C GLU A 18 8.66 -26.28 -4.70
N GLU A 19 9.30 -27.30 -4.13
CA GLU A 19 10.70 -27.22 -3.77
C GLU A 19 11.59 -27.31 -5.01
N GLY A 20 12.71 -26.58 -5.00
CA GLY A 20 13.65 -26.61 -6.10
C GLY A 20 13.32 -25.72 -7.28
N LYS A 21 12.39 -24.78 -7.11
CA LYS A 21 12.12 -23.73 -8.10
C LYS A 21 11.79 -22.46 -7.34
N LEU A 22 11.82 -21.29 -8.00
CA LEU A 22 11.36 -20.07 -7.38
C LEU A 22 10.19 -19.47 -8.14
N VAL A 23 9.12 -19.13 -7.41
CA VAL A 23 8.01 -18.41 -8.01
C VAL A 23 7.97 -17.01 -7.37
N ILE A 24 7.92 -15.98 -8.23
CA ILE A 24 7.96 -14.59 -7.78
C ILE A 24 6.68 -13.89 -8.20
N TRP A 25 6.12 -13.07 -7.32
CA TRP A 25 5.02 -12.19 -7.66
C TRP A 25 5.53 -10.75 -7.60
N ILE A 26 5.29 -9.98 -8.67
CA ILE A 26 5.62 -8.55 -8.71
C ILE A 26 4.47 -7.84 -9.42
N ASN A 27 4.25 -6.56 -9.13
CA ASN A 27 3.09 -5.85 -9.71
C ASN A 27 3.25 -5.63 -11.22
N GLY A 28 2.13 -5.61 -11.94
CA GLY A 28 2.19 -5.45 -13.39
C GLY A 28 2.71 -4.13 -13.94
N ASP A 29 2.81 -3.08 -13.10
CA ASP A 29 3.42 -1.84 -13.53
C ASP A 29 4.96 -1.81 -13.40
N LYS A 30 5.54 -2.90 -12.91
CA LYS A 30 7.00 -2.95 -12.65
C LYS A 30 7.67 -3.72 -13.79
N GLY A 31 9.00 -3.69 -13.85
CA GLY A 31 9.71 -4.39 -14.93
C GLY A 31 9.86 -5.89 -14.75
N TYR A 32 8.73 -6.62 -14.86
CA TYR A 32 8.74 -8.03 -14.60
C TYR A 32 9.46 -8.82 -15.68
N ASN A 33 9.55 -8.28 -16.91
CA ASN A 33 10.36 -8.93 -17.96
C ASN A 33 11.86 -8.78 -17.69
N GLY A 34 12.29 -7.60 -17.25
CA GLY A 34 13.66 -7.44 -16.79
C GLY A 34 13.97 -8.36 -15.62
N LEU A 35 13.05 -8.44 -14.66
CA LEU A 35 13.21 -9.41 -13.55
C LEU A 35 13.32 -10.87 -14.04
N ALA A 36 12.53 -11.25 -15.03
CA ALA A 36 12.61 -12.60 -15.63
C ALA A 36 13.99 -12.91 -16.23
N GLU A 37 14.63 -11.88 -16.78
CA GLU A 37 16.02 -11.99 -17.28
C GLU A 37 16.98 -12.29 -16.15
N VAL A 38 16.79 -11.64 -15.01
CA VAL A 38 17.59 -11.99 -13.84
C VAL A 38 17.33 -13.45 -13.42
N GLY A 39 16.06 -13.87 -13.48
CA GLY A 39 15.71 -15.28 -13.21
C GLY A 39 16.32 -16.30 -14.15
N LYS A 40 16.41 -15.98 -15.43
CA LYS A 40 17.11 -16.84 -16.40
C LYS A 40 18.60 -16.96 -16.10
N LYS A 41 19.26 -15.85 -15.83
CA LYS A 41 20.64 -15.92 -15.40
C LYS A 41 20.80 -16.77 -14.11
N PHE A 42 19.85 -16.66 -13.18
CA PHE A 42 19.92 -17.46 -11.97
C PHE A 42 19.88 -18.94 -12.38
N GLU A 43 18.92 -19.30 -13.24
CA GLU A 43 18.74 -20.68 -13.70
C GLU A 43 20.02 -21.24 -14.38
N LYS A 44 20.67 -20.42 -15.21
CA LYS A 44 21.95 -20.73 -15.88
C LYS A 44 23.07 -21.11 -14.93
N ASP A 45 23.11 -20.46 -13.76
CA ASP A 45 24.16 -20.68 -12.77
C ASP A 45 23.88 -21.75 -11.71
N THR A 46 22.59 -21.99 -11.44
CA THR A 46 22.14 -22.77 -10.29
C THR A 46 21.29 -23.96 -10.73
N GLY A 47 20.76 -23.94 -11.95
CA GLY A 47 19.81 -24.97 -12.36
C GLY A 47 18.39 -24.81 -11.79
N ILE A 48 18.12 -23.66 -11.15
CA ILE A 48 16.83 -23.41 -10.49
C ILE A 48 16.01 -22.48 -11.36
N LYS A 49 14.87 -22.98 -11.84
CA LYS A 49 13.98 -22.21 -12.68
C LYS A 49 13.25 -21.12 -11.87
N VAL A 50 13.20 -19.91 -12.44
CA VAL A 50 12.53 -18.79 -11.80
C VAL A 50 11.34 -18.37 -12.66
N THR A 51 10.16 -18.44 -12.08
CA THR A 51 8.96 -18.00 -12.78
C THR A 51 8.51 -16.69 -12.16
N VAL A 52 8.48 -15.63 -12.97
CA VAL A 52 7.99 -14.33 -12.53
C VAL A 52 6.53 -14.18 -12.97
N GLU A 53 5.67 -13.81 -12.02
CA GLU A 53 4.24 -13.63 -12.30
C GLU A 53 3.82 -12.25 -11.81
N HIS A 54 2.82 -11.68 -12.46
CA HIS A 54 2.24 -10.39 -12.05
C HIS A 54 0.72 -10.55 -11.91
N PRO A 55 0.25 -11.28 -10.86
CA PRO A 55 -1.20 -11.48 -10.71
C PRO A 55 -1.88 -10.16 -10.38
N ASP A 56 -3.17 -10.06 -10.69
CA ASP A 56 -4.00 -8.95 -10.24
C ASP A 56 -4.18 -9.05 -8.73
N LYS A 57 -4.17 -7.92 -8.03
CA LYS A 57 -4.48 -7.89 -6.60
C LYS A 57 -3.55 -8.77 -5.76
N LEU A 58 -2.28 -8.85 -6.17
CA LEU A 58 -1.34 -9.83 -5.62
C LEU A 58 -1.07 -9.55 -4.13
N GLU A 59 -1.19 -8.29 -3.75
CA GLU A 59 -0.94 -7.84 -2.40
C GLU A 59 -2.08 -8.23 -1.46
N GLU A 60 -3.27 -8.47 -2.01
CA GLU A 60 -4.42 -9.03 -1.27
C GLU A 60 -4.47 -10.56 -1.33
N LYS A 61 -4.08 -11.12 -2.47
CA LYS A 61 -3.98 -12.56 -2.62
C LYS A 61 -2.90 -13.17 -1.72
N PHE A 62 -1.73 -12.50 -1.68
CA PHE A 62 -0.62 -13.01 -0.85
C PHE A 62 -1.02 -13.42 0.56
N PRO A 63 -1.62 -12.51 1.38
CA PRO A 63 -1.97 -12.93 2.72
C PRO A 63 -3.06 -14.02 2.77
N GLN A 64 -3.87 -14.14 1.73
CA GLN A 64 -4.87 -15.21 1.66
C GLN A 64 -4.23 -16.56 1.45
N VAL A 65 -3.45 -16.70 0.38
CA VAL A 65 -2.78 -17.97 0.05
C VAL A 65 -1.64 -18.34 0.99
N ALA A 66 -0.88 -17.35 1.45
CA ALA A 66 0.28 -17.62 2.33
C ALA A 66 -0.14 -18.15 3.70
N ALA A 67 -1.33 -17.73 4.17
CA ALA A 67 -1.90 -18.17 5.45
C ALA A 67 -2.17 -19.69 5.44
N THR A 68 -2.34 -20.24 4.23
CA THR A 68 -2.59 -21.66 4.04
C THR A 68 -1.34 -22.41 3.57
N GLY A 69 -0.22 -21.68 3.49
CA GLY A 69 1.08 -22.25 3.16
C GLY A 69 1.38 -22.30 1.67
N ASP A 70 0.55 -21.66 0.85
CA ASP A 70 0.76 -21.62 -0.59
C ASP A 70 1.33 -20.26 -0.97
N GLY A 71 1.31 -19.93 -2.27
CA GLY A 71 1.71 -18.62 -2.75
C GLY A 71 3.06 -18.60 -3.41
N PRO A 72 3.58 -17.40 -3.70
CA PRO A 72 4.93 -17.33 -4.28
C PRO A 72 6.00 -17.61 -3.23
N ASP A 73 7.20 -17.95 -3.67
CA ASP A 73 8.37 -17.94 -2.77
C ASP A 73 8.76 -16.54 -2.35
N ILE A 74 8.68 -15.62 -3.32
CA ILE A 74 9.07 -14.24 -3.15
C ILE A 74 7.95 -13.29 -3.58
N ILE A 75 7.69 -12.28 -2.74
CA ILE A 75 6.64 -11.33 -3.04
C ILE A 75 7.25 -9.93 -3.07
N PHE A 76 7.00 -9.17 -4.15
CA PHE A 76 7.42 -7.77 -4.25
C PHE A 76 6.21 -6.86 -4.06
N TRP A 77 6.35 -5.88 -3.16
CA TRP A 77 5.39 -4.78 -3.11
C TRP A 77 6.16 -3.64 -2.43
N ALA A 78 5.61 -2.41 -2.46
CA ALA A 78 6.13 -1.35 -1.62
C ALA A 78 6.06 -1.82 -0.15
N HIS A 79 6.92 -1.27 0.70
CA HIS A 79 7.09 -1.76 2.10
C HIS A 79 5.86 -1.56 3.01
N ASP A 80 4.94 -0.68 2.62
CA ASP A 80 3.76 -0.40 3.48
C ASP A 80 2.88 -1.62 3.74
N ARG A 81 2.92 -2.60 2.86
CA ARG A 81 2.17 -3.82 3.07
C ARG A 81 2.79 -4.84 4.02
N PHE A 82 4.10 -4.72 4.27
CA PHE A 82 4.88 -5.83 4.84
C PHE A 82 4.75 -6.00 6.37
N GLY A 83 4.48 -4.92 7.09
CA GLY A 83 4.22 -5.06 8.53
C GLY A 83 3.03 -5.97 8.79
N GLY A 84 1.93 -5.76 8.05
CA GLY A 84 0.77 -6.63 8.12
C GLY A 84 1.10 -8.07 7.84
N TYR A 85 1.87 -8.33 6.78
CA TYR A 85 2.29 -9.70 6.49
C TYR A 85 3.14 -10.30 7.60
N ALA A 86 4.06 -9.51 8.13
CA ALA A 86 4.98 -9.97 9.18
C ALA A 86 4.23 -10.27 10.47
N GLN A 87 3.29 -9.40 10.86
CA GLN A 87 2.47 -9.64 12.04
C GLN A 87 1.69 -10.95 11.95
N SER A 88 1.24 -11.30 10.74
CA SER A 88 0.52 -12.56 10.53
C SER A 88 1.44 -13.78 10.41
N GLY A 89 2.77 -13.59 10.58
CA GLY A 89 3.73 -14.71 10.46
C GLY A 89 3.91 -15.25 9.03
N LEU A 90 3.67 -14.41 8.04
CA LEU A 90 3.65 -14.82 6.63
C LEU A 90 5.01 -14.68 5.93
N LEU A 91 5.95 -14.00 6.60
CA LEU A 91 7.24 -13.67 6.00
C LEU A 91 8.36 -14.30 6.79
N ALA A 92 9.37 -14.86 6.12
CA ALA A 92 10.58 -15.32 6.80
C ALA A 92 11.46 -14.13 7.19
N GLU A 93 12.16 -14.24 8.31
CA GLU A 93 13.04 -13.17 8.75
C GLU A 93 14.25 -13.24 7.82
N ILE A 94 14.69 -12.12 7.26
CA ILE A 94 15.81 -12.24 6.34
C ILE A 94 17.14 -12.06 7.10
N THR A 95 18.17 -12.73 6.59
CA THR A 95 19.43 -12.89 7.33
C THR A 95 20.66 -12.42 6.54
N PRO A 96 20.65 -11.18 5.98
CA PRO A 96 21.84 -10.75 5.26
C PRO A 96 22.96 -10.54 6.24
N ASP A 97 24.19 -10.90 5.87
CA ASP A 97 25.29 -10.61 6.78
C ASP A 97 25.58 -9.11 6.73
N LYS A 98 26.51 -8.66 7.56
CA LYS A 98 26.81 -7.25 7.73
C LYS A 98 27.35 -6.65 6.43
N ALA A 99 28.21 -7.39 5.75
CA ALA A 99 28.76 -6.93 4.48
C ALA A 99 27.68 -6.68 3.41
N PHE A 100 26.73 -7.58 3.27
CA PHE A 100 25.61 -7.31 2.38
C PHE A 100 24.73 -6.13 2.84
N GLN A 101 24.38 -6.05 4.12
CA GLN A 101 23.62 -4.90 4.61
C GLN A 101 24.28 -3.59 4.27
N ASP A 102 25.62 -3.57 4.33
CA ASP A 102 26.43 -2.38 4.08
C ASP A 102 26.31 -1.87 2.64
N LYS A 103 25.87 -2.76 1.74
CA LYS A 103 25.70 -2.44 0.31
C LYS A 103 24.49 -1.54 0.01
N LEU A 104 23.53 -1.52 0.92
CA LEU A 104 22.28 -0.81 0.75
C LEU A 104 22.19 0.35 1.74
N TYR A 105 21.51 1.43 1.35
CA TYR A 105 21.32 2.60 2.22
C TYR A 105 20.59 2.23 3.52
N PRO A 106 21.18 2.63 4.68
CA PRO A 106 20.50 2.37 5.95
C PRO A 106 19.01 2.77 6.00
N PHE A 107 18.65 3.90 5.40
CA PHE A 107 17.26 4.32 5.41
C PHE A 107 16.34 3.35 4.65
N THR A 108 16.89 2.57 3.71
CA THR A 108 16.03 1.60 3.01
C THR A 108 15.81 0.35 3.86
N TRP A 109 16.84 -0.09 4.60
CA TRP A 109 16.64 -1.17 5.58
C TRP A 109 15.63 -0.80 6.68
N ASP A 110 15.61 0.48 7.09
CA ASP A 110 14.66 0.95 8.14
C ASP A 110 13.21 0.72 7.66
N ALA A 111 12.98 0.88 6.35
CA ALA A 111 11.65 0.69 5.73
C ALA A 111 11.11 -0.74 5.86
N VAL A 112 12.02 -1.69 6.00
CA VAL A 112 11.70 -3.13 6.02
C VAL A 112 12.07 -3.79 7.36
N ARG A 113 12.26 -2.97 8.38
CA ARG A 113 12.46 -3.44 9.75
C ARG A 113 11.12 -3.31 10.49
N TYR A 114 10.65 -4.45 11.00
CA TYR A 114 9.40 -4.49 11.69
C TYR A 114 9.60 -5.22 13.02
N ASN A 115 9.19 -4.57 14.11
CA ASN A 115 9.46 -5.06 15.48
C ASN A 115 10.91 -5.57 15.64
N GLY A 116 11.86 -4.78 15.17
CA GLY A 116 13.28 -5.07 15.29
C GLY A 116 13.90 -6.07 14.33
N LYS A 117 13.10 -6.71 13.49
CA LYS A 117 13.59 -7.71 12.57
C LYS A 117 13.47 -7.22 11.12
N LEU A 118 14.47 -7.55 10.30
CA LEU A 118 14.40 -7.35 8.84
C LEU A 118 13.46 -8.37 8.24
N ILE A 119 12.44 -7.88 7.56
CA ILE A 119 11.42 -8.80 7.05
C ILE A 119 11.31 -8.82 5.53
N ALA A 120 12.15 -8.03 4.87
CA ALA A 120 12.20 -7.98 3.42
C ALA A 120 13.51 -7.36 2.98
N TYR A 121 13.84 -7.54 1.71
CA TYR A 121 14.97 -6.82 1.11
C TYR A 121 14.45 -5.58 0.40
N PRO A 122 15.04 -4.40 0.68
CA PRO A 122 14.65 -3.19 -0.04
C PRO A 122 15.28 -3.13 -1.43
N ILE A 123 14.49 -2.70 -2.42
CA ILE A 123 14.97 -2.70 -3.81
C ILE A 123 15.20 -1.24 -4.29
N ALA A 124 14.20 -0.40 -4.11
CA ALA A 124 14.23 0.93 -4.72
C ALA A 124 13.22 1.86 -4.08
N VAL A 125 13.58 3.13 -4.01
CA VAL A 125 12.77 4.19 -3.45
C VAL A 125 11.96 4.87 -4.56
N GLU A 126 10.65 4.95 -4.34
CA GLU A 126 9.71 5.48 -5.33
C GLU A 126 9.04 6.70 -4.76
N ALA A 127 9.02 7.79 -5.54
CA ALA A 127 8.19 8.93 -5.18
C ALA A 127 7.55 9.42 -6.49
N LEU A 128 6.30 9.89 -6.39
CA LEU A 128 5.63 10.60 -7.50
C LEU A 128 6.34 11.91 -7.82
N SER A 129 6.28 12.29 -9.10
CA SER A 129 6.80 13.55 -9.58
C SER A 129 5.81 14.14 -10.55
N LEU A 130 5.99 15.41 -10.82
CA LEU A 130 5.24 16.05 -11.91
C LEU A 130 5.96 15.74 -13.23
N ILE A 131 5.25 15.11 -14.15
CA ILE A 131 5.81 14.84 -15.46
C ILE A 131 5.08 15.76 -16.45
N TYR A 132 5.80 16.46 -17.30
CA TYR A 132 5.18 17.46 -18.14
C TYR A 132 5.72 17.41 -19.56
N ASN A 133 4.92 17.90 -20.50
CA ASN A 133 5.24 17.83 -21.89
C ASN A 133 5.85 19.19 -22.19
N LYS A 134 7.16 19.18 -22.45
CA LYS A 134 7.95 20.40 -22.72
C LYS A 134 7.52 21.15 -23.98
N ASP A 135 6.90 20.45 -24.93
CA ASP A 135 6.45 21.10 -26.14
C ASP A 135 5.14 21.86 -25.92
N LEU A 136 4.34 21.40 -24.96
CA LEU A 136 3.07 22.04 -24.61
C LEU A 136 3.22 23.04 -23.47
N LEU A 137 4.23 22.80 -22.65
CA LEU A 137 4.37 23.49 -21.38
C LEU A 137 5.85 23.55 -20.98
N PRO A 138 6.64 24.42 -21.64
CA PRO A 138 8.10 24.44 -21.41
C PRO A 138 8.44 24.88 -19.98
N ASN A 139 7.49 25.57 -19.35
CA ASN A 139 7.62 26.06 -18.00
C ASN A 139 6.44 25.57 -17.19
N PRO A 140 6.61 24.47 -16.45
CA PRO A 140 5.49 23.88 -15.74
C PRO A 140 5.15 24.71 -14.48
N PRO A 141 3.88 24.61 -14.03
CA PRO A 141 3.42 25.51 -12.99
C PRO A 141 4.04 25.10 -11.67
N LYS A 142 4.36 26.09 -10.84
CA LYS A 142 4.96 25.81 -9.55
C LYS A 142 3.88 25.46 -8.52
N THR A 143 2.61 25.77 -8.84
CA THR A 143 1.48 25.64 -7.90
C THR A 143 0.29 24.92 -8.50
N TRP A 144 -0.42 24.18 -7.64
CA TRP A 144 -1.69 23.56 -8.01
C TRP A 144 -2.70 24.64 -8.42
N GLU A 145 -2.64 25.80 -7.75
CA GLU A 145 -3.69 26.83 -7.87
C GLU A 145 -3.71 27.45 -9.27
N GLU A 146 -2.60 27.34 -10.01
CA GLU A 146 -2.55 27.85 -11.38
C GLU A 146 -3.04 26.88 -12.42
N ILE A 147 -3.27 25.64 -12.02
CA ILE A 147 -3.76 24.62 -12.96
C ILE A 147 -5.15 24.91 -13.61
N PRO A 148 -6.14 25.39 -12.83
CA PRO A 148 -7.42 25.71 -13.48
C PRO A 148 -7.35 26.66 -14.70
N ALA A 149 -6.63 27.80 -14.57
CA ALA A 149 -6.49 28.76 -15.68
C ALA A 149 -5.66 28.24 -16.85
N LEU A 150 -4.61 27.47 -16.54
CA LEU A 150 -3.82 26.78 -17.57
C LEU A 150 -4.68 25.82 -18.40
N ASP A 151 -5.51 25.06 -17.70
CA ASP A 151 -6.42 24.11 -18.37
C ASP A 151 -7.39 24.86 -19.29
N LYS A 152 -7.99 25.93 -18.79
CA LYS A 152 -8.89 26.70 -19.64
C LYS A 152 -8.19 27.12 -20.93
N GLU A 153 -6.97 27.62 -20.84
CA GLU A 153 -6.25 28.00 -22.05
C GLU A 153 -5.91 26.82 -22.95
N LEU A 154 -5.49 25.70 -22.34
CA LEU A 154 -5.15 24.53 -23.14
C LEU A 154 -6.39 23.91 -23.80
N LYS A 155 -7.52 23.98 -23.11
CA LYS A 155 -8.80 23.49 -23.63
C LYS A 155 -9.16 24.20 -24.95
N ALA A 156 -8.85 25.50 -25.03
CA ALA A 156 -9.04 26.27 -26.25
C ALA A 156 -8.30 25.69 -27.47
N LYS A 157 -7.17 25.01 -27.25
CA LYS A 157 -6.48 24.34 -28.37
C LYS A 157 -6.66 22.80 -28.41
N GLY A 158 -7.70 22.33 -27.74
CA GLY A 158 -8.01 20.91 -27.72
C GLY A 158 -7.14 20.01 -26.84
N LYS A 159 -6.51 20.59 -25.81
CA LYS A 159 -5.64 19.84 -24.90
C LYS A 159 -6.19 20.04 -23.49
N SER A 160 -5.55 19.44 -22.48
CA SER A 160 -5.87 19.74 -21.10
C SER A 160 -4.57 19.94 -20.31
N ALA A 161 -4.68 20.48 -19.10
CA ALA A 161 -3.49 20.77 -18.28
C ALA A 161 -2.89 19.51 -17.63
N LEU A 162 -3.70 18.70 -16.97
CA LEU A 162 -3.25 17.67 -16.09
C LEU A 162 -4.24 16.50 -16.04
N MET A 163 -3.73 15.29 -16.24
CA MET A 163 -4.51 14.08 -15.98
C MET A 163 -3.64 13.10 -15.23
N PHE A 164 -4.18 12.55 -14.14
CA PHE A 164 -3.52 11.47 -13.43
C PHE A 164 -4.58 10.53 -12.86
N ASN A 165 -4.16 9.38 -12.36
CA ASN A 165 -5.01 8.35 -11.78
C ASN A 165 -5.73 8.80 -10.51
N LEU A 166 -7.05 8.86 -10.62
CA LEU A 166 -7.90 9.32 -9.55
C LEU A 166 -8.58 8.14 -8.82
N GLN A 167 -8.24 6.93 -9.23
CA GLN A 167 -8.87 5.74 -8.66
C GLN A 167 -8.05 5.19 -7.50
N GLU A 168 -6.80 5.65 -7.34
CA GLU A 168 -5.94 5.12 -6.27
C GLU A 168 -5.47 6.26 -5.41
N PRO A 169 -5.70 6.21 -4.08
CA PRO A 169 -5.40 7.39 -3.25
C PRO A 169 -3.91 7.78 -3.21
N TYR A 170 -3.04 6.87 -3.64
CA TYR A 170 -1.60 7.13 -3.66
C TYR A 170 -1.31 8.41 -4.44
N PHE A 171 -2.05 8.61 -5.55
CA PHE A 171 -1.77 9.71 -6.48
C PHE A 171 -2.35 11.02 -6.01
N THR A 172 -3.41 10.94 -5.19
CA THR A 172 -4.05 12.12 -4.59
C THR A 172 -3.48 12.49 -3.19
N TRP A 173 -2.93 11.51 -2.47
CA TRP A 173 -2.26 11.75 -1.20
C TRP A 173 -1.32 12.99 -1.17
N PRO A 174 -0.42 13.16 -2.17
CA PRO A 174 0.50 14.32 -2.07
C PRO A 174 -0.21 15.69 -1.85
N LEU A 175 -1.36 15.85 -2.49
CA LEU A 175 -2.21 17.03 -2.42
C LEU A 175 -3.02 17.12 -1.10
N ILE A 176 -3.54 16.01 -0.60
CA ILE A 176 -4.20 15.96 0.71
C ILE A 176 -3.24 16.28 1.86
N ALA A 177 -2.02 15.78 1.76
CA ALA A 177 -1.03 16.00 2.80
C ALA A 177 -0.34 17.40 2.75
N ALA A 178 -0.36 18.06 1.61
CA ALA A 178 0.39 19.31 1.42
C ALA A 178 0.08 20.33 2.54
N ASP A 179 -1.21 20.64 2.71
CA ASP A 179 -1.60 21.67 3.70
C ASP A 179 -1.89 21.05 5.07
N GLY A 180 -1.54 19.78 5.29
CA GLY A 180 -1.62 19.25 6.66
C GLY A 180 -2.24 17.90 6.91
N GLY A 181 -2.80 17.28 5.88
CA GLY A 181 -3.18 15.86 5.97
C GLY A 181 -2.02 14.97 6.36
N TYR A 182 -2.28 13.97 7.20
CA TYR A 182 -1.30 12.92 7.49
C TYR A 182 -2.00 11.57 7.78
N ALA A 183 -1.25 10.48 7.65
CA ALA A 183 -1.79 9.17 8.05
C ALA A 183 -1.65 9.05 9.58
N PHE A 184 -0.51 8.60 10.07
CA PHE A 184 -0.31 8.36 11.51
C PHE A 184 0.73 9.30 12.05
N LYS A 185 0.47 9.91 13.21
CA LYS A 185 1.43 10.83 13.80
C LYS A 185 2.56 10.01 14.37
N TYR A 186 3.79 10.41 14.06
CA TYR A 186 4.96 9.78 14.65
C TYR A 186 5.46 10.63 15.81
N GLU A 187 5.53 10.02 16.99
CA GLU A 187 5.90 10.70 18.24
C GLU A 187 6.53 9.70 19.20
N ASN A 188 7.64 10.11 19.82
CA ASN A 188 8.33 9.31 20.84
C ASN A 188 8.66 7.88 20.40
N GLY A 189 9.24 7.75 19.21
CA GLY A 189 9.73 6.47 18.69
C GLY A 189 8.69 5.57 18.00
N LYS A 190 7.44 6.02 17.95
CA LYS A 190 6.34 5.19 17.46
C LYS A 190 5.26 5.97 16.70
N TYR A 191 4.62 5.27 15.76
CA TYR A 191 3.42 5.77 15.10
C TYR A 191 2.24 5.68 16.07
N ASP A 192 1.52 6.77 16.22
CA ASP A 192 0.34 6.76 17.05
C ASP A 192 -0.86 6.37 16.20
N ILE A 193 -1.30 5.12 16.35
CA ILE A 193 -2.56 4.59 15.77
C ILE A 193 -3.82 5.43 16.09
N LYS A 194 -3.87 6.01 17.27
CA LYS A 194 -5.03 6.83 17.63
C LYS A 194 -4.91 8.34 17.31
N ASP A 195 -3.85 8.73 16.59
CA ASP A 195 -3.70 10.14 16.08
C ASP A 195 -3.58 10.14 14.55
N VAL A 196 -4.73 10.31 13.88
CA VAL A 196 -4.84 10.10 12.41
C VAL A 196 -5.27 11.40 11.74
N GLY A 197 -4.70 11.71 10.59
CA GLY A 197 -4.87 13.05 10.05
C GLY A 197 -5.62 13.18 8.75
N VAL A 198 -6.60 12.30 8.49
CA VAL A 198 -7.29 12.33 7.19
C VAL A 198 -8.50 13.26 7.15
N ASP A 199 -8.85 13.83 8.30
CA ASP A 199 -10.04 14.67 8.40
C ASP A 199 -9.75 15.97 9.12
N ASN A 200 -8.52 16.43 9.06
CA ASN A 200 -8.21 17.76 9.59
C ASN A 200 -8.41 18.81 8.49
N ALA A 201 -8.17 20.08 8.84
CA ALA A 201 -8.37 21.15 7.89
C ALA A 201 -7.47 21.06 6.63
N GLY A 202 -6.22 20.66 6.80
CA GLY A 202 -5.35 20.50 5.65
C GLY A 202 -5.82 19.43 4.69
N ALA A 203 -6.35 18.32 5.23
CA ALA A 203 -6.80 17.22 4.40
C ALA A 203 -8.00 17.65 3.55
N LYS A 204 -8.95 18.32 4.21
CA LYS A 204 -10.15 18.83 3.56
C LYS A 204 -9.84 19.84 2.47
N ALA A 205 -8.92 20.78 2.73
CA ALA A 205 -8.51 21.75 1.71
C ALA A 205 -7.93 21.06 0.46
N GLY A 206 -7.07 20.06 0.66
CA GLY A 206 -6.50 19.34 -0.46
C GLY A 206 -7.55 18.63 -1.30
N LEU A 207 -8.39 17.83 -0.66
CA LEU A 207 -9.43 17.10 -1.38
C LEU A 207 -10.45 18.05 -1.99
N THR A 208 -10.76 19.14 -1.29
CA THR A 208 -11.68 20.15 -1.84
C THR A 208 -11.14 20.71 -3.15
N PHE A 209 -9.84 20.98 -3.20
CA PHE A 209 -9.25 21.52 -4.41
C PHE A 209 -9.39 20.51 -5.57
N LEU A 210 -9.20 19.22 -5.28
CA LEU A 210 -9.29 18.19 -6.31
C LEU A 210 -10.72 18.06 -6.81
N VAL A 211 -11.65 18.01 -5.85
CA VAL A 211 -13.07 18.00 -6.17
C VAL A 211 -13.45 19.20 -7.03
N ASP A 212 -12.92 20.38 -6.71
CA ASP A 212 -13.23 21.57 -7.47
C ASP A 212 -12.71 21.50 -8.93
N LEU A 213 -11.52 20.94 -9.10
CA LEU A 213 -10.98 20.66 -10.42
C LEU A 213 -11.96 19.86 -11.28
N ILE A 214 -12.54 18.84 -10.68
CA ILE A 214 -13.57 17.99 -11.33
C ILE A 214 -14.89 18.74 -11.55
N LYS A 215 -15.44 19.37 -10.51
CA LYS A 215 -16.65 20.21 -10.62
C LYS A 215 -16.52 21.23 -11.76
N ASN A 216 -15.34 21.81 -11.90
CA ASN A 216 -15.07 22.84 -12.92
C ASN A 216 -14.61 22.27 -14.24
N LYS A 217 -14.76 20.94 -14.39
CA LYS A 217 -14.44 20.25 -15.66
C LYS A 217 -12.95 20.40 -16.09
N HIS A 218 -12.03 20.46 -15.12
CA HIS A 218 -10.58 20.44 -15.45
C HIS A 218 -10.02 19.04 -15.37
N MET A 219 -10.74 18.18 -14.64
CA MET A 219 -10.47 16.77 -14.62
CA MET A 219 -10.45 16.77 -14.58
C MET A 219 -11.77 15.98 -14.60
N ASN A 220 -11.68 14.68 -14.94
CA ASN A 220 -12.80 13.74 -14.94
C ASN A 220 -12.65 12.72 -13.79
N ALA A 221 -13.68 12.59 -12.96
CA ALA A 221 -13.67 11.64 -11.81
C ALA A 221 -13.32 10.16 -12.15
N ASP A 222 -13.57 9.74 -13.38
CA ASP A 222 -13.25 8.35 -13.66
C ASP A 222 -11.91 8.13 -14.40
N THR A 223 -11.12 9.19 -14.58
CA THR A 223 -9.79 9.04 -15.13
C THR A 223 -9.02 8.06 -14.25
N ASP A 224 -8.41 7.08 -14.89
CA ASP A 224 -7.65 6.07 -14.16
C ASP A 224 -6.22 6.04 -14.68
N TYR A 225 -5.46 5.01 -14.30
CA TYR A 225 -4.05 4.91 -14.66
C TYR A 225 -3.89 4.88 -16.20
N SER A 226 -4.63 3.98 -16.87
CA SER A 226 -4.45 3.80 -18.30
CA SER A 226 -4.49 3.78 -18.30
C SER A 226 -4.95 5.00 -19.10
N ILE A 227 -6.02 5.65 -18.63
CA ILE A 227 -6.55 6.82 -19.32
C ILE A 227 -5.55 8.00 -19.23
N ALA A 228 -5.05 8.26 -18.03
CA ALA A 228 -4.07 9.33 -17.82
C ALA A 228 -2.78 9.07 -18.64
N GLU A 229 -2.32 7.83 -18.61
CA GLU A 229 -1.12 7.43 -19.33
C GLU A 229 -1.25 7.62 -20.84
N ALA A 230 -2.32 7.08 -21.44
CA ALA A 230 -2.61 7.23 -22.87
C ALA A 230 -2.71 8.68 -23.29
N ALA A 231 -3.45 9.49 -22.54
CA ALA A 231 -3.54 10.93 -22.82
C ALA A 231 -2.18 11.63 -22.79
N PHE A 232 -1.38 11.37 -21.77
CA PHE A 232 -0.08 12.04 -21.70
C PHE A 232 0.83 11.59 -22.83
N ASN A 233 0.91 10.27 -23.01
CA ASN A 233 1.84 9.70 -23.99
C ASN A 233 1.44 9.96 -25.45
N LYS A 234 0.21 10.45 -25.66
CA LYS A 234 -0.31 10.83 -26.97
C LYS A 234 -0.31 12.33 -27.19
N GLY A 235 0.19 13.09 -26.21
CA GLY A 235 0.32 14.52 -26.31
C GLY A 235 -0.95 15.31 -26.11
N GLU A 236 -1.93 14.72 -25.42
CA GLU A 236 -3.24 15.33 -25.28
C GLU A 236 -3.37 16.14 -24.02
N THR A 237 -2.56 15.80 -23.01
CA THR A 237 -2.55 16.53 -21.74
C THR A 237 -1.10 16.95 -21.43
N ALA A 238 -0.94 18.14 -20.86
CA ALA A 238 0.38 18.75 -20.72
C ALA A 238 1.17 18.19 -19.52
N MET A 239 0.45 17.59 -18.55
CA MET A 239 1.06 17.12 -17.32
C MET A 239 0.42 15.83 -16.84
N THR A 240 1.22 15.01 -16.18
CA THR A 240 0.69 13.88 -15.44
C THR A 240 1.42 13.75 -14.09
N ILE A 241 0.94 12.85 -13.22
CA ILE A 241 1.61 12.60 -11.98
C ILE A 241 1.80 11.09 -11.95
N ASN A 242 3.06 10.69 -11.86
CA ASN A 242 3.35 9.28 -11.87
C ASN A 242 4.74 9.04 -11.32
N GLY A 243 5.05 7.77 -11.16
CA GLY A 243 6.35 7.39 -10.62
C GLY A 243 7.33 6.90 -11.68
N PRO A 244 8.53 6.47 -11.23
CA PRO A 244 9.57 6.15 -12.21
C PRO A 244 9.24 5.02 -13.19
N TRP A 245 8.43 4.07 -12.78
CA TRP A 245 8.02 2.96 -13.65
C TRP A 245 7.36 3.40 -14.98
N ALA A 246 6.72 4.58 -14.97
CA ALA A 246 6.02 5.11 -16.14
C ALA A 246 6.96 5.70 -17.17
N TRP A 247 8.24 5.95 -16.82
CA TRP A 247 9.09 6.69 -17.77
C TRP A 247 9.35 5.96 -19.08
N SER A 248 9.54 4.64 -19.05
CA SER A 248 9.91 3.98 -20.31
C SER A 248 8.78 3.97 -21.33
N ASN A 249 7.52 3.92 -20.90
CA ASN A 249 6.42 4.15 -21.85
C ASN A 249 6.42 5.57 -22.45
N ILE A 250 6.83 6.57 -21.69
CA ILE A 250 6.94 7.92 -22.26
C ILE A 250 8.14 8.00 -23.23
N ASP A 251 9.27 7.38 -22.87
CA ASP A 251 10.42 7.29 -23.76
C ASP A 251 10.02 6.77 -25.15
N THR A 252 9.24 5.69 -25.22
CA THR A 252 8.93 5.11 -26.51
C THR A 252 7.87 5.95 -27.25
N SER A 253 7.06 6.73 -26.53
CA SER A 253 6.07 7.62 -27.15
C SER A 253 6.69 8.83 -27.87
N LYS A 254 7.97 9.10 -27.61
CA LYS A 254 8.58 10.35 -28.15
C LYS A 254 7.81 11.69 -27.81
N VAL A 255 7.11 11.73 -26.67
CA VAL A 255 6.72 13.00 -26.09
C VAL A 255 8.04 13.54 -25.53
N ASN A 256 8.31 14.83 -25.70
CA ASN A 256 9.47 15.46 -25.06
C ASN A 256 9.08 15.84 -23.63
N TYR A 257 9.46 15.01 -22.64
CA TYR A 257 9.03 15.24 -21.26
C TYR A 257 10.12 15.69 -20.29
N GLY A 258 9.70 16.37 -19.24
CA GLY A 258 10.57 16.64 -18.09
C GLY A 258 9.92 16.02 -16.88
N VAL A 259 10.68 15.87 -15.81
CA VAL A 259 10.18 15.32 -14.56
C VAL A 259 10.66 16.33 -13.51
N THR A 260 9.76 16.81 -12.67
CA THR A 260 10.18 17.85 -11.75
C THR A 260 9.36 17.78 -10.45
N VAL A 261 9.61 18.75 -9.58
CA VAL A 261 8.93 18.83 -8.29
C VAL A 261 7.40 18.95 -8.48
N LEU A 262 6.62 18.24 -7.67
CA LEU A 262 5.18 18.43 -7.70
C LEU A 262 4.80 19.88 -7.41
N PRO A 263 3.64 20.34 -7.93
CA PRO A 263 3.22 21.71 -7.66
C PRO A 263 2.96 21.88 -6.15
N THR A 264 3.13 23.08 -5.61
CA THR A 264 2.81 23.34 -4.21
C THR A 264 1.30 23.57 -4.08
N PHE A 265 0.78 23.41 -2.87
CA PHE A 265 -0.63 23.72 -2.59
C PHE A 265 -0.62 24.54 -1.36
N LYS A 266 -1.29 25.69 -1.42
CA LYS A 266 -1.33 26.66 -0.33
C LYS A 266 0.09 27.00 0.13
N GLY A 267 0.97 27.16 -0.85
CA GLY A 267 2.36 27.55 -0.60
C GLY A 267 3.23 26.49 0.01
N GLN A 268 2.69 25.27 0.21
CA GLN A 268 3.45 24.17 0.81
C GLN A 268 3.72 23.09 -0.23
N PRO A 269 4.85 22.37 -0.12
CA PRO A 269 5.14 21.28 -1.04
C PRO A 269 4.05 20.20 -0.98
N SER A 270 3.73 19.62 -2.13
CA SER A 270 3.04 18.35 -2.16
C SER A 270 3.90 17.33 -1.43
N LYS A 271 3.26 16.43 -0.69
CA LYS A 271 3.96 15.45 0.12
C LYS A 271 3.65 14.01 -0.25
N PRO A 272 4.32 13.48 -1.29
CA PRO A 272 3.98 12.15 -1.68
C PRO A 272 4.40 11.18 -0.58
N PHE A 273 3.60 10.13 -0.38
CA PHE A 273 4.00 9.02 0.48
C PHE A 273 5.05 8.22 -0.29
N VAL A 274 6.19 8.01 0.34
CA VAL A 274 7.32 7.38 -0.33
C VAL A 274 7.33 5.87 -0.09
N GLY A 275 7.41 5.11 -1.18
CA GLY A 275 7.40 3.65 -1.12
C GLY A 275 8.77 3.08 -1.38
N VAL A 276 9.14 2.03 -0.65
CA VAL A 276 10.36 1.25 -0.96
C VAL A 276 9.89 -0.07 -1.54
N LEU A 277 10.07 -0.25 -2.84
CA LEU A 277 9.78 -1.54 -3.42
C LEU A 277 10.64 -2.54 -2.68
N SER A 278 10.03 -3.61 -2.18
CA SER A 278 10.72 -4.59 -1.32
C SER A 278 10.34 -5.98 -1.71
N ALA A 279 11.20 -6.93 -1.39
CA ALA A 279 10.98 -8.32 -1.75
C ALA A 279 11.01 -9.15 -0.45
N GLY A 280 9.89 -9.82 -0.13
CA GLY A 280 9.82 -10.65 1.07
C GLY A 280 9.86 -12.11 0.67
N ILE A 281 10.31 -12.96 1.60
CA ILE A 281 10.34 -14.38 1.38
C ILE A 281 9.17 -15.02 2.13
N ASN A 282 8.36 -15.80 1.44
CA ASN A 282 7.23 -16.49 2.05
C ASN A 282 7.73 -17.40 3.19
N ALA A 283 7.13 -17.29 4.37
CA ALA A 283 7.52 -18.10 5.53
C ALA A 283 7.27 -19.60 5.25
N ALA A 284 6.27 -19.89 4.42
CA ALA A 284 5.99 -21.26 3.99
C ALA A 284 6.88 -21.79 2.83
N SER A 285 7.75 -20.95 2.25
CA SER A 285 8.64 -21.42 1.16
C SER A 285 9.66 -22.51 1.60
N PRO A 286 9.75 -23.63 0.85
CA PRO A 286 10.81 -24.59 1.09
C PRO A 286 12.12 -24.20 0.40
N ASN A 287 12.21 -22.98 -0.13
CA ASN A 287 13.30 -22.54 -1.00
C ASN A 287 13.92 -21.25 -0.50
N LYS A 288 14.02 -21.11 0.84
CA LYS A 288 14.41 -19.84 1.46
C LYS A 288 15.86 -19.46 1.17
N GLU A 289 16.76 -20.46 1.23
CA GLU A 289 18.17 -20.22 0.88
C GLU A 289 18.34 -19.89 -0.60
N LEU A 290 17.61 -20.56 -1.48
CA LEU A 290 17.62 -20.18 -2.91
C LEU A 290 17.05 -18.76 -3.14
N ALA A 291 15.99 -18.41 -2.41
CA ALA A 291 15.39 -17.09 -2.54
C ALA A 291 16.38 -16.02 -2.04
N LYS A 292 17.15 -16.36 -1.00
CA LYS A 292 18.13 -15.44 -0.46
C LYS A 292 19.27 -15.25 -1.46
N GLU A 293 19.67 -16.36 -2.08
CA GLU A 293 20.74 -16.32 -3.09
C GLU A 293 20.35 -15.51 -4.32
N PHE A 294 19.13 -15.72 -4.80
CA PHE A 294 18.60 -14.93 -5.90
C PHE A 294 18.60 -13.42 -5.58
N LEU A 295 18.04 -13.06 -4.43
CA LEU A 295 17.86 -11.66 -4.09
C LEU A 295 19.18 -10.98 -3.80
N GLU A 296 20.05 -11.65 -3.03
CA GLU A 296 21.34 -11.04 -2.64
C GLU A 296 22.38 -11.08 -3.75
N ASN A 297 22.48 -12.20 -4.46
CA ASN A 297 23.62 -12.37 -5.34
C ASN A 297 23.28 -12.10 -6.80
N TYR A 298 21.99 -12.01 -7.11
CA TYR A 298 21.56 -11.83 -8.52
C TYR A 298 20.81 -10.53 -8.70
N LEU A 299 19.76 -10.30 -7.89
CA LEU A 299 18.97 -9.08 -8.09
C LEU A 299 19.70 -7.85 -7.55
N LEU A 300 20.11 -7.89 -6.29
CA LEU A 300 20.73 -6.73 -5.71
C LEU A 300 22.19 -6.60 -6.07
N THR A 301 22.44 -6.57 -7.40
CA THR A 301 23.76 -6.30 -7.95
C THR A 301 23.56 -5.19 -8.99
N ASP A 302 24.64 -4.54 -9.41
CA ASP A 302 24.53 -3.52 -10.47
C ASP A 302 23.81 -4.12 -11.69
N GLU A 303 24.19 -5.32 -12.09
CA GLU A 303 23.64 -6.00 -13.29
C GLU A 303 22.17 -6.39 -13.15
N GLY A 304 21.79 -6.90 -11.97
CA GLY A 304 20.39 -7.34 -11.71
C GLY A 304 19.43 -6.17 -11.76
N LEU A 305 19.78 -5.09 -11.08
CA LEU A 305 18.93 -3.91 -11.00
C LEU A 305 18.89 -3.21 -12.35
N GLU A 306 20.02 -3.17 -13.08
CA GLU A 306 20.09 -2.59 -14.43
CA GLU A 306 20.03 -2.55 -14.40
C GLU A 306 19.08 -3.29 -15.33
N ALA A 307 19.11 -4.62 -15.31
CA ALA A 307 18.19 -5.41 -16.11
C ALA A 307 16.74 -5.02 -15.81
N VAL A 308 16.37 -4.86 -14.55
CA VAL A 308 14.98 -4.53 -14.22
C VAL A 308 14.67 -3.08 -14.61
N ASN A 309 15.59 -2.17 -14.25
CA ASN A 309 15.46 -0.75 -14.48
C ASN A 309 15.31 -0.43 -16.00
N LYS A 310 16.04 -1.16 -16.85
CA LYS A 310 15.94 -0.98 -18.29
C LYS A 310 14.57 -1.35 -18.82
N ASP A 311 13.88 -2.25 -18.13
CA ASP A 311 12.52 -2.62 -18.49
C ASP A 311 11.56 -1.50 -18.04
N LYS A 312 11.46 -1.27 -16.73
CA LYS A 312 10.67 -0.13 -16.17
C LYS A 312 11.54 0.47 -15.10
N PRO A 313 11.84 1.78 -15.19
CA PRO A 313 12.67 2.37 -14.17
C PRO A 313 12.23 2.14 -12.72
N LEU A 314 13.20 1.80 -11.90
CA LEU A 314 12.94 1.43 -10.48
C LEU A 314 12.80 2.65 -9.58
N GLY A 315 13.44 3.76 -9.97
CA GLY A 315 13.55 4.89 -9.01
C GLY A 315 14.96 4.92 -8.43
N ALA A 316 15.11 5.46 -7.20
CA ALA A 316 16.39 5.56 -6.56
C ALA A 316 16.69 4.25 -5.85
N VAL A 317 17.54 3.42 -6.42
CA VAL A 317 17.75 2.08 -5.92
C VAL A 317 18.40 2.06 -4.53
N ALA A 318 18.16 0.97 -3.79
CA ALA A 318 18.73 0.83 -2.45
C ALA A 318 20.24 0.55 -2.50
N LEU A 319 20.70 -0.02 -3.61
CA LEU A 319 22.10 -0.37 -3.81
C LEU A 319 22.96 0.86 -4.12
N LYS A 320 23.87 1.18 -3.20
CA LYS A 320 24.65 2.41 -3.27
C LYS A 320 25.44 2.53 -4.55
N SER A 321 26.05 1.43 -5.00
CA SER A 321 26.97 1.48 -6.14
C SER A 321 26.24 1.85 -7.41
N TYR A 322 25.03 1.30 -7.57
CA TYR A 322 24.20 1.62 -8.71
C TYR A 322 23.53 3.01 -8.61
N GLU A 323 23.02 3.35 -7.42
CA GLU A 323 22.42 4.67 -7.24
C GLU A 323 23.39 5.86 -7.53
N GLU A 324 24.69 5.71 -7.27
CA GLU A 324 25.68 6.77 -7.59
C GLU A 324 25.58 7.19 -9.07
N GLU A 325 25.31 6.23 -9.95
CA GLU A 325 25.05 6.53 -11.37
C GLU A 325 23.65 7.09 -11.65
N LEU A 326 22.61 6.45 -11.10
CA LEU A 326 21.23 6.95 -11.28
C LEU A 326 21.05 8.37 -10.78
N ALA A 327 21.73 8.72 -9.68
CA ALA A 327 21.66 10.06 -9.06
C ALA A 327 22.04 11.20 -10.01
N LYS A 328 22.84 10.90 -11.04
CA LYS A 328 23.25 11.85 -12.12
C LYS A 328 22.15 12.14 -13.16
N ASP A 329 21.03 11.43 -13.06
CA ASP A 329 19.92 11.60 -13.98
C ASP A 329 18.93 12.62 -13.36
N PRO A 330 18.58 13.72 -14.09
CA PRO A 330 17.64 14.72 -13.53
C PRO A 330 16.31 14.17 -13.05
N ARG A 331 15.81 13.12 -13.71
CA ARG A 331 14.54 12.50 -13.36
C ARG A 331 14.66 11.83 -12.00
N ILE A 332 15.84 11.30 -11.71
CA ILE A 332 16.09 10.70 -10.38
C ILE A 332 16.30 11.76 -9.30
N ALA A 333 17.02 12.85 -9.63
CA ALA A 333 17.16 13.96 -8.69
C ALA A 333 15.75 14.52 -8.34
N ALA A 334 14.89 14.69 -9.35
CA ALA A 334 13.50 15.17 -9.12
C ALA A 334 12.73 14.20 -8.19
N THR A 335 12.89 12.90 -8.43
CA THR A 335 12.26 11.85 -7.64
C THR A 335 12.60 12.03 -6.17
N MET A 336 13.89 12.22 -5.92
CA MET A 336 14.40 12.33 -4.55
C MET A 336 14.07 13.65 -3.95
N GLU A 337 13.90 14.68 -4.78
CA GLU A 337 13.41 15.99 -4.28
C GLU A 337 11.96 15.87 -3.77
N ASN A 338 11.14 15.23 -4.59
CA ASN A 338 9.77 14.91 -4.14
C ASN A 338 9.76 14.02 -2.91
N ALA A 339 10.62 12.99 -2.88
CA ALA A 339 10.78 12.15 -1.66
C ALA A 339 11.15 12.95 -0.39
N GLN A 340 12.07 13.92 -0.50
CA GLN A 340 12.49 14.78 0.62
CA GLN A 340 12.48 14.76 0.65
C GLN A 340 11.28 15.53 1.18
N LYS A 341 10.47 16.05 0.28
CA LYS A 341 9.26 16.77 0.66
C LYS A 341 8.13 15.91 1.25
N GLY A 342 8.06 14.64 0.82
CA GLY A 342 7.10 13.69 1.37
C GLY A 342 7.64 12.95 2.60
N GLU A 343 7.10 11.76 2.86
CA GLU A 343 7.43 10.98 4.04
C GLU A 343 7.48 9.55 3.58
N ILE A 344 8.45 8.81 4.10
CA ILE A 344 8.47 7.36 3.96
C ILE A 344 7.20 6.81 4.58
N MET A 345 6.49 5.91 3.89
CA MET A 345 5.32 5.31 4.51
C MET A 345 5.72 4.50 5.72
N PRO A 346 4.81 4.46 6.72
CA PRO A 346 4.87 3.43 7.77
C PRO A 346 4.76 2.06 7.11
N ASN A 347 5.34 1.04 7.74
CA ASN A 347 5.13 -0.34 7.31
C ASN A 347 4.13 -1.10 8.19
N ILE A 348 3.59 -0.38 9.18
CA ILE A 348 2.65 -0.90 10.16
C ILE A 348 1.43 -1.61 9.54
N PRO A 349 0.89 -2.62 10.25
CA PRO A 349 -0.27 -3.40 9.78
C PRO A 349 -1.50 -2.55 9.50
N GLN A 350 -1.63 -1.42 10.20
CA GLN A 350 -2.79 -0.50 9.98
C GLN A 350 -2.74 0.24 8.64
N MET A 351 -1.63 0.12 7.91
CA MET A 351 -1.54 0.84 6.63
C MET A 351 -2.63 0.45 5.63
N SER A 352 -2.98 -0.83 5.51
CA SER A 352 -3.97 -1.18 4.47
C SER A 352 -5.37 -0.57 4.74
N ALA A 353 -5.80 -0.59 5.99
CA ALA A 353 -7.10 0.00 6.41
C ALA A 353 -7.10 1.51 6.17
N PHE A 354 -5.97 2.17 6.43
CA PHE A 354 -5.84 3.58 6.13
C PHE A 354 -6.09 3.80 4.63
N TRP A 355 -5.37 3.07 3.79
CA TRP A 355 -5.48 3.24 2.36
C TRP A 355 -6.91 2.93 1.86
N TYR A 356 -7.52 1.84 2.32
CA TYR A 356 -8.92 1.51 1.93
C TYR A 356 -9.91 2.67 2.25
N ALA A 357 -9.74 3.26 3.44
CA ALA A 357 -10.61 4.36 3.88
C ALA A 357 -10.37 5.60 3.01
N VAL A 358 -9.09 5.85 2.67
CA VAL A 358 -8.80 7.04 1.89
C VAL A 358 -9.26 6.81 0.46
N ARG A 359 -9.09 5.60 -0.08
CA ARG A 359 -9.58 5.32 -1.43
CA ARG A 359 -9.58 5.27 -1.42
C ARG A 359 -11.07 5.63 -1.57
N THR A 360 -11.87 5.13 -0.65
CA THR A 360 -13.33 5.33 -0.63
C THR A 360 -13.68 6.83 -0.55
N ALA A 361 -13.01 7.54 0.35
CA ALA A 361 -13.20 8.97 0.51
C ALA A 361 -12.95 9.74 -0.78
N VAL A 362 -11.83 9.48 -1.44
CA VAL A 362 -11.46 10.22 -2.63
C VAL A 362 -12.43 9.93 -3.77
N ILE A 363 -12.69 8.65 -4.01
CA ILE A 363 -13.63 8.24 -5.04
C ILE A 363 -15.06 8.78 -4.75
N ASN A 364 -15.54 8.67 -3.52
CA ASN A 364 -16.86 9.23 -3.18
C ASN A 364 -16.95 10.75 -3.35
N ALA A 365 -15.90 11.47 -2.94
CA ALA A 365 -15.88 12.92 -3.05
C ALA A 365 -15.74 13.32 -4.53
N ALA A 366 -14.89 12.64 -5.29
CA ALA A 366 -14.67 12.99 -6.70
C ALA A 366 -15.92 12.76 -7.55
N SER A 367 -16.63 11.67 -7.27
CA SER A 367 -17.79 11.28 -8.04
C SER A 367 -19.01 12.07 -7.58
N GLY A 368 -18.94 12.65 -6.38
CA GLY A 368 -20.03 13.46 -5.85
C GLY A 368 -21.03 12.66 -5.02
N ARG A 369 -20.72 11.40 -4.67
CA ARG A 369 -21.62 10.59 -3.81
C ARG A 369 -21.66 11.15 -2.38
N GLN A 370 -20.59 11.85 -2.00
CA GLN A 370 -20.44 12.45 -0.68
C GLN A 370 -19.72 13.78 -0.85
N THR A 371 -20.00 14.74 0.05
CA THR A 371 -19.22 15.98 0.11
C THR A 371 -17.80 15.61 0.59
N VAL A 372 -16.89 16.56 0.55
CA VAL A 372 -15.51 16.28 0.97
C VAL A 372 -15.54 16.01 2.47
N ASP A 373 -16.36 16.79 3.17
CA ASP A 373 -16.48 16.71 4.62
C ASP A 373 -17.10 15.41 5.11
N GLU A 374 -18.15 14.93 4.42
CA GLU A 374 -18.71 13.60 4.66
C GLU A 374 -17.71 12.49 4.40
N ALA A 375 -17.07 12.57 3.22
CA ALA A 375 -16.12 11.56 2.77
C ALA A 375 -14.96 11.37 3.75
N LEU A 376 -14.35 12.48 4.17
CA LEU A 376 -13.21 12.41 5.08
C LEU A 376 -13.61 12.12 6.51
N LYS A 377 -14.79 12.57 6.90
CA LYS A 377 -15.31 12.17 8.22
C LYS A 377 -15.46 10.63 8.34
N ASP A 378 -16.04 10.02 7.31
CA ASP A 378 -16.19 8.57 7.27
C ASP A 378 -14.85 7.88 7.20
N ALA A 379 -13.90 8.45 6.45
CA ALA A 379 -12.56 7.86 6.39
C ALA A 379 -11.94 7.82 7.79
N GLN A 380 -12.06 8.91 8.54
CA GLN A 380 -11.54 8.97 9.90
CA GLN A 380 -11.54 8.97 9.90
C GLN A 380 -12.28 7.98 10.81
N THR A 381 -13.60 7.97 10.72
CA THR A 381 -14.39 7.06 11.56
C THR A 381 -14.15 5.60 11.25
N ASN A 382 -14.26 5.26 9.97
CA ASN A 382 -14.12 3.88 9.54
C ASN A 382 -12.69 3.32 9.70
N SER A 383 -11.66 4.13 9.47
CA SER A 383 -10.29 3.61 9.69
C SER A 383 -10.05 3.41 11.18
N ALA A 384 -10.42 4.37 12.04
CA ALA A 384 -10.31 4.18 13.50
C ALA A 384 -11.07 2.91 13.94
N MET A 385 -12.31 2.73 13.48
CA MET A 385 -13.05 1.47 13.75
C MET A 385 -12.25 0.21 13.31
N ALA A 386 -11.77 0.19 12.06
CA ALA A 386 -10.93 -0.93 11.58
C ALA A 386 -9.74 -1.20 12.49
N PHE A 387 -8.95 -0.17 12.83
CA PHE A 387 -7.76 -0.39 13.68
C PHE A 387 -8.18 -1.04 14.97
N ALA A 388 -9.24 -0.51 15.58
CA ALA A 388 -9.70 -0.99 16.90
C ALA A 388 -10.24 -2.42 16.88
N GLU A 389 -11.03 -2.73 15.85
CA GLU A 389 -11.53 -4.10 15.65
C GLU A 389 -10.40 -5.10 15.37
N ASP A 390 -9.48 -4.75 14.47
CA ASP A 390 -8.33 -5.61 14.15
C ASP A 390 -7.50 -5.89 15.41
N LYS A 391 -7.18 -4.83 16.16
CA LYS A 391 -6.50 -5.00 17.44
C LYS A 391 -7.26 -5.95 18.39
N THR A 392 -8.57 -5.83 18.47
CA THR A 392 -9.35 -6.67 19.39
C THR A 392 -9.36 -8.11 18.93
N TYR A 393 -9.47 -8.31 17.62
CA TYR A 393 -9.47 -9.66 17.05
C TYR A 393 -8.09 -10.34 17.25
N LYS A 394 -7.01 -9.59 16.98
CA LYS A 394 -5.66 -10.05 17.29
C LYS A 394 -5.50 -10.44 18.76
N TYR A 395 -6.05 -9.64 19.67
CA TYR A 395 -5.98 -9.93 21.10
C TYR A 395 -6.75 -11.20 21.47
N ILE A 396 -7.93 -11.37 20.87
CA ILE A 396 -8.72 -12.58 21.13
C ILE A 396 -7.96 -13.82 20.65
N CYS A 397 -7.35 -13.73 19.48
CA CYS A 397 -6.56 -14.85 18.98
C CYS A 397 -5.36 -15.18 19.87
N ARG A 398 -4.59 -14.18 20.30
CA ARG A 398 -3.40 -14.45 21.12
C ARG A 398 -3.77 -14.97 22.51
N ASN A 399 -4.98 -14.64 22.96
CA ASN A 399 -5.44 -14.95 24.30
C ASN A 399 -6.65 -15.89 24.28
N PHE A 400 -6.64 -16.79 23.29
CA PHE A 400 -7.78 -17.66 22.99
C PHE A 400 -8.26 -18.44 24.18
N SER A 401 -7.31 -18.92 24.99
CA SER A 401 -7.64 -19.74 26.14
C SER A 401 -8.41 -18.98 27.22
N ASN A 402 -8.29 -17.66 27.24
CA ASN A 402 -9.13 -16.83 28.11
C ASN A 402 -10.62 -17.02 27.76
N PHE A 403 -10.89 -17.23 26.47
CA PHE A 403 -12.24 -17.26 25.89
C PHE A 403 -12.85 -18.65 25.70
N CYS A 404 -12.18 -19.70 26.14
CA CYS A 404 -12.66 -21.07 25.92
CA CYS A 404 -12.70 -21.05 25.88
C CYS A 404 -13.84 -21.49 26.81
N ASN A 405 -14.14 -20.68 27.82
CA ASN A 405 -15.38 -20.82 28.59
CA ASN A 405 -15.39 -20.81 28.60
C ASN A 405 -16.62 -20.37 27.80
N VAL A 406 -16.40 -19.58 26.75
CA VAL A 406 -17.52 -19.09 25.94
C VAL A 406 -18.22 -20.27 25.24
N ASP A 407 -19.55 -20.31 25.37
CA ASP A 407 -20.41 -21.34 24.81
C ASP A 407 -21.08 -20.77 23.60
N VAL A 408 -20.72 -21.30 22.43
CA VAL A 408 -21.16 -20.71 21.16
C VAL A 408 -22.68 -20.64 21.08
N VAL A 409 -23.35 -21.71 21.46
CA VAL A 409 -24.81 -21.78 21.35
C VAL A 409 -25.48 -20.75 22.29
N GLU A 410 -24.96 -20.60 23.52
CA GLU A 410 -25.44 -19.60 24.49
C GLU A 410 -25.23 -18.14 24.04
N ILE A 411 -24.15 -17.88 23.32
CA ILE A 411 -23.80 -16.51 22.93
C ILE A 411 -24.49 -15.97 21.67
N LEU A 412 -24.87 -16.87 20.76
CA LEU A 412 -25.54 -16.49 19.49
C LEU A 412 -26.77 -15.58 19.58
N PRO A 413 -27.68 -15.78 20.57
CA PRO A 413 -28.82 -14.87 20.76
C PRO A 413 -28.45 -13.39 20.97
N TYR A 414 -27.20 -13.07 21.30
CA TYR A 414 -26.80 -11.67 21.57
C TYR A 414 -25.91 -11.10 20.49
N LEU A 415 -25.83 -11.78 19.36
CA LEU A 415 -24.93 -11.39 18.28
C LEU A 415 -25.72 -11.10 16.98
N PRO A 416 -26.54 -10.03 16.97
CA PRO A 416 -27.31 -9.68 15.78
C PRO A 416 -26.48 -9.21 14.57
N CYS A 417 -25.16 -9.04 14.74
CA CYS A 417 -24.30 -8.78 13.59
C CYS A 417 -24.04 -10.04 12.72
N LEU A 418 -24.31 -11.23 13.27
CA LEU A 418 -24.19 -12.49 12.54
C LEU A 418 -25.46 -12.67 11.70
N THR A 419 -25.34 -13.14 10.46
CA THR A 419 -26.51 -13.31 9.60
C THR A 419 -27.15 -14.63 9.97
N ALA A 420 -28.36 -14.91 9.48
CA ALA A 420 -28.94 -16.22 9.68
C ALA A 420 -28.02 -17.32 9.13
N ARG A 421 -27.40 -17.06 7.98
CA ARG A 421 -26.49 -18.04 7.38
C ARG A 421 -25.29 -18.29 8.32
N ASP A 422 -24.73 -17.23 8.93
CA ASP A 422 -23.59 -17.38 9.86
C ASP A 422 -23.99 -18.31 11.01
N GLN A 423 -25.19 -18.10 11.57
CA GLN A 423 -25.69 -18.85 12.73
C GLN A 423 -25.88 -20.31 12.38
N ASP A 424 -26.44 -20.58 11.20
CA ASP A 424 -26.61 -21.97 10.80
C ASP A 424 -25.30 -22.66 10.58
N ARG A 425 -24.35 -21.98 9.93
CA ARG A 425 -23.03 -22.55 9.72
C ARG A 425 -22.36 -22.86 11.05
N LEU A 426 -22.42 -21.92 11.99
CA LEU A 426 -21.76 -22.10 13.28
C LEU A 426 -22.38 -23.23 14.10
N ARG A 427 -23.70 -23.37 14.03
CA ARG A 427 -24.38 -24.51 14.63
C ARG A 427 -23.86 -25.84 14.10
N ALA A 428 -23.71 -25.92 12.78
CA ALA A 428 -23.23 -27.13 12.10
C ALA A 428 -21.80 -27.42 12.50
N THR A 429 -20.97 -26.38 12.52
CA THR A 429 -19.58 -26.50 12.95
C THR A 429 -19.55 -27.04 14.36
N CYS A 430 -20.44 -26.52 15.20
CA CYS A 430 -20.45 -26.98 16.57
C CYS A 430 -20.84 -28.47 16.62
N THR A 431 -21.82 -28.86 15.80
CA THR A 431 -22.28 -30.23 15.76
C THR A 431 -21.16 -31.15 15.31
N LEU A 432 -20.41 -30.75 14.28
CA LEU A 432 -19.37 -31.60 13.73
C LEU A 432 -18.08 -31.61 14.53
N SER A 433 -17.74 -30.46 15.14
CA SER A 433 -16.39 -30.25 15.69
C SER A 433 -16.29 -29.88 17.18
N GLY A 434 -17.43 -29.59 17.81
CA GLY A 434 -17.39 -29.20 19.22
C GLY A 434 -17.18 -27.70 19.40
N ASN A 435 -17.54 -27.23 20.59
CA ASN A 435 -17.53 -25.83 20.95
C ASN A 435 -16.16 -25.13 20.82
N ARG A 436 -15.10 -25.75 21.35
CA ARG A 436 -13.77 -25.12 21.31
C ARG A 436 -13.37 -24.78 19.89
N ASP A 437 -13.37 -25.78 19.00
CA ASP A 437 -13.05 -25.56 17.59
C ASP A 437 -13.97 -24.51 16.90
N THR A 438 -15.25 -24.49 17.29
CA THR A 438 -16.21 -23.53 16.73
C THR A 438 -15.95 -22.08 17.17
N LEU A 439 -15.41 -21.91 18.38
CA LEU A 439 -15.08 -20.58 18.90
C LEU A 439 -14.14 -19.86 17.93
N TRP A 440 -13.15 -20.58 17.39
CA TRP A 440 -12.22 -19.97 16.44
CA TRP A 440 -12.25 -19.98 16.38
C TRP A 440 -13.01 -19.41 15.24
N HIS A 441 -13.94 -20.20 14.72
CA HIS A 441 -14.78 -19.83 13.58
C HIS A 441 -15.75 -18.69 13.94
N LEU A 442 -16.28 -18.72 15.18
CA LEU A 442 -17.09 -17.66 15.70
C LEU A 442 -16.34 -16.33 15.61
N PHE A 443 -15.11 -16.30 16.15
CA PHE A 443 -14.33 -15.08 16.17
C PHE A 443 -13.97 -14.67 14.76
N ASN A 444 -13.53 -15.63 13.93
CA ASN A 444 -13.21 -15.36 12.55
C ASN A 444 -14.40 -14.77 11.78
N THR A 445 -15.59 -15.30 11.99
CA THR A 445 -16.82 -14.79 11.35
C THR A 445 -17.21 -13.41 11.90
N LEU A 446 -17.23 -13.27 13.23
CA LEU A 446 -17.54 -11.95 13.83
C LEU A 446 -16.72 -10.81 13.20
N GLN A 447 -15.43 -11.04 13.03
CA GLN A 447 -14.56 -9.95 12.60
C GLN A 447 -14.80 -9.50 11.17
N ARG A 448 -15.56 -10.26 10.39
CA ARG A 448 -15.96 -9.85 9.03
C ARG A 448 -17.29 -9.06 9.04
N ARG A 449 -17.85 -8.80 10.24
CA ARG A 449 -19.23 -8.25 10.34
C ARG A 449 -19.23 -6.89 10.99
N PRO A 450 -20.16 -5.97 10.56
CA PRO A 450 -20.19 -4.60 11.10
C PRO A 450 -20.64 -4.50 12.57
N GLY A 451 -19.94 -3.66 13.33
CA GLY A 451 -20.21 -3.45 14.75
C GLY A 451 -20.07 -4.67 15.66
N TRP A 452 -19.20 -5.62 15.29
CA TRP A 452 -19.09 -6.88 16.06
C TRP A 452 -18.60 -6.75 17.48
N VAL A 453 -17.72 -5.78 17.76
CA VAL A 453 -17.10 -5.71 19.08
C VAL A 453 -18.10 -5.28 20.13
N GLU A 454 -18.92 -4.28 19.82
CA GLU A 454 -19.93 -3.81 20.76
C GLU A 454 -20.85 -4.96 21.13
N TYR A 455 -21.34 -5.67 20.11
CA TYR A 455 -22.27 -6.77 20.35
C TYR A 455 -21.57 -7.92 21.09
N PHE A 456 -20.31 -8.15 20.76
CA PHE A 456 -19.55 -9.20 21.46
C PHE A 456 -19.39 -8.86 22.94
N ILE A 457 -19.10 -7.60 23.24
CA ILE A 457 -19.06 -7.14 24.64
C ILE A 457 -20.43 -7.38 25.28
N ALA A 458 -21.51 -6.97 24.59
CA ALA A 458 -22.88 -7.20 25.07
C ALA A 458 -23.14 -8.69 25.33
N ALA A 459 -22.73 -9.52 24.37
CA ALA A 459 -23.02 -10.95 24.41
C ALA A 459 -22.32 -11.65 25.58
N LEU A 460 -21.09 -11.23 25.85
CA LEU A 460 -20.33 -11.67 27.01
C LEU A 460 -21.01 -11.26 28.30
N ARG A 461 -21.44 -10.00 28.40
CA ARG A 461 -22.23 -9.60 29.54
C ARG A 461 -23.55 -10.39 29.63
N GLY A 462 -24.22 -10.62 28.51
CA GLY A 462 -25.48 -11.39 28.53
C GLY A 462 -25.32 -12.80 29.10
N CYS A 463 -24.14 -13.38 28.90
CA CYS A 463 -23.78 -14.71 29.39
C CYS A 463 -23.10 -14.64 30.77
N GLU A 464 -23.14 -13.46 31.40
CA GLU A 464 -22.56 -13.24 32.74
C GLU A 464 -21.00 -13.42 32.75
N LEU A 465 -20.35 -13.15 31.62
CA LEU A 465 -18.88 -13.23 31.55
C LEU A 465 -18.36 -11.80 31.55
N VAL A 466 -18.54 -11.15 32.69
CA VAL A 466 -18.26 -9.74 32.86
C VAL A 466 -16.78 -9.42 32.76
N ASP A 467 -15.91 -10.22 33.39
CA ASP A 467 -14.48 -9.95 33.30
C ASP A 467 -14.00 -10.05 31.87
N LEU A 468 -14.53 -11.00 31.12
CA LEU A 468 -14.18 -11.18 29.73
C LEU A 468 -14.65 -9.97 28.92
N ALA A 469 -15.91 -9.57 29.14
CA ALA A 469 -16.47 -8.39 28.53
C ALA A 469 -15.63 -7.17 28.79
N ASP A 470 -15.20 -6.97 30.04
CA ASP A 470 -14.37 -5.82 30.39
C ASP A 470 -12.99 -5.88 29.73
N GLU A 471 -12.46 -7.09 29.65
CA GLU A 471 -11.16 -7.31 28.99
C GLU A 471 -11.25 -6.94 27.50
N VAL A 472 -12.33 -7.34 26.83
CA VAL A 472 -12.57 -6.89 25.46
C VAL A 472 -12.75 -5.35 25.33
N ALA A 473 -13.56 -4.75 26.22
CA ALA A 473 -13.78 -3.30 26.15
C ALA A 473 -12.42 -2.59 26.29
N SER A 474 -11.59 -3.14 27.16
CA SER A 474 -10.31 -2.52 27.44
C SER A 474 -9.39 -2.52 26.21
N VAL A 475 -9.37 -3.62 25.49
CA VAL A 475 -8.53 -3.70 24.29
C VAL A 475 -9.11 -2.86 23.14
N TYR A 476 -10.42 -2.82 23.02
CA TYR A 476 -11.11 -2.11 21.93
C TYR A 476 -11.02 -0.57 22.04
N GLN A 477 -10.81 -0.07 23.25
CA GLN A 477 -10.76 1.36 23.47
C GLN A 477 -9.72 2.04 22.58
C1 GLC B . 2.68 1.98 -7.71
C2 GLC B . 3.57 2.09 -6.48
C3 GLC B . 2.82 1.63 -5.23
C4 GLC B . 1.44 2.32 -5.13
C5 GLC B . 0.60 2.07 -6.39
C6 GLC B . -0.76 2.81 -6.37
O1 GLC B . 2.55 0.60 -8.07
O2 GLC B . 4.69 1.21 -6.65
O3 GLC B . 3.62 1.88 -4.05
O4 GLC B . 0.78 1.69 -4.05
O5 GLC B . 1.35 2.51 -7.53
O6 GLC B . -1.53 2.41 -7.52
C1 GLC B . 0.72 2.47 -2.85
C2 GLC B . 0.93 1.48 -1.70
C3 GLC B . -0.19 0.41 -1.75
C4 GLC B . -1.55 1.13 -1.62
C5 GLC B . -1.70 2.22 -2.69
C6 GLC B . -2.99 3.04 -2.51
O2 GLC B . 2.24 0.89 -1.80
O3 GLC B . -0.03 -0.52 -0.66
O4 GLC B . -2.57 0.13 -1.77
O5 GLC B . -0.55 3.10 -2.68
O6 GLC B . -3.32 3.68 -3.76
C1 GLC B . -3.39 -0.08 -0.61
C2 GLC B . -3.53 -1.56 -0.34
C3 GLC B . -4.25 -2.24 -1.54
C4 GLC B . -5.56 -1.56 -2.00
C5 GLC B . -5.36 -0.05 -2.09
C6 GLC B . -6.67 0.70 -2.10
O2 GLC B . -2.19 -2.11 -0.18
O3 GLC B . -4.46 -3.63 -1.26
O4 GLC B . -5.91 -2.02 -3.32
O5 GLC B . -4.68 0.47 -0.93
O6 GLC B . -6.44 1.95 -2.75
C1 GLC B . -6.85 -3.12 -3.43
C2 GLC B . -6.87 -3.75 -4.84
C3 GLC B . -7.68 -2.93 -5.83
C4 GLC B . -9.10 -2.80 -5.31
C5 GLC B . -9.13 -2.19 -3.92
C6 GLC B . -10.52 -2.38 -3.33
O2 GLC B . -5.54 -3.96 -5.35
O3 GLC B . -7.75 -3.54 -7.13
O4 GLC B . -9.81 -1.97 -6.22
O5 GLC B . -8.19 -2.78 -3.00
O6 GLC B . -10.75 -1.19 -2.58
S SO4 C . -4.28 -13.13 -12.61
O1 SO4 C . -3.82 -14.43 -12.09
O2 SO4 C . -5.54 -13.23 -13.36
O3 SO4 C . -4.50 -12.26 -11.48
O4 SO4 C . -3.26 -12.66 -13.55
S SO4 D . -15.53 -19.39 9.15
O1 SO4 D . -15.46 -20.38 8.06
O2 SO4 D . -15.77 -18.09 8.53
O3 SO4 D . -16.69 -19.77 9.97
O4 SO4 D . -14.26 -19.38 9.87
S SO4 E . -18.44 -13.39 4.10
O1 SO4 E . -19.02 -14.70 4.46
O2 SO4 E . -17.20 -13.63 3.36
O3 SO4 E . -19.41 -12.61 3.33
O4 SO4 E . -18.05 -12.60 5.27
S SO4 F . 2.76 -1.85 -20.55
O1 SO4 F . 2.63 -3.30 -20.32
O2 SO4 F . 3.42 -1.63 -21.85
O3 SO4 F . 1.42 -1.26 -20.57
O4 SO4 F . 3.55 -1.24 -19.49
S SO4 G . -1.21 -6.49 -15.61
O1 SO4 G . -0.36 -6.53 -16.80
O2 SO4 G . -0.68 -7.33 -14.53
O3 SO4 G . -1.28 -5.10 -15.14
O4 SO4 G . -2.54 -6.96 -15.95
#